data_1JC9
#
_entry.id   1JC9
#
_cell.length_a   108.934
_cell.length_b   108.934
_cell.length_c   64.059
_cell.angle_alpha   90.00
_cell.angle_beta   90.00
_cell.angle_gamma   90.00
#
_symmetry.space_group_name_H-M   'I 4'
#
loop_
_entity.id
_entity.type
_entity.pdbx_description
1 polymer techylectin-5A
2 non-polymer 2-acetamido-2-deoxy-beta-D-glucopyranose
3 non-polymer 'CALCIUM ION'
4 water water
#
_entity_poly.entity_id   1
_entity_poly.type   'polypeptide(L)'
_entity_poly.pdbx_seq_one_letter_code
;QNKELCDVTSSTGLLDSIKVMASHVKEQLKDKGTSEVAQPIVSPDPTDCADILLNGYRSSGGYRIWPKSWMTVGTLNVYC
DMETDGGGWTVIQRRGNYGNPSDYFYKPWKNYKLGFGNIEKDFWLGNDRIFALTNQRNYMIRFDLKDKENDTRYAIYQDF
WIENEDYLYCLHIGNYSGDAGNSFGRHNGHNFSTIDKDHDTHETHCAQTYKGGWWYDRCHESNLNGLYLNGEHNSYADGI
EWRAWKGYHYSLPQVEMKIRPVEFNIIGN
;
_entity_poly.pdbx_strand_id   A
#
# COMPACT_ATOMS: atom_id res chain seq x y z
N ASP A 45 16.73 16.74 -7.15
CA ASP A 45 15.83 17.44 -8.05
C ASP A 45 14.51 16.66 -8.26
N PRO A 46 14.60 15.37 -8.64
CA PRO A 46 13.36 14.60 -8.84
C PRO A 46 12.64 14.31 -7.51
N THR A 47 11.35 14.64 -7.44
CA THR A 47 10.55 14.45 -6.24
C THR A 47 9.84 13.11 -6.12
N ASP A 48 9.80 12.36 -7.22
CA ASP A 48 9.16 11.05 -7.24
C ASP A 48 9.52 10.33 -8.54
N CYS A 49 8.93 9.16 -8.77
CA CYS A 49 9.22 8.41 -9.97
C CYS A 49 8.70 9.03 -11.27
N ALA A 50 7.66 9.86 -11.20
CA ALA A 50 7.14 10.50 -12.40
C ALA A 50 8.22 11.46 -12.91
N ASP A 51 8.86 12.18 -11.98
CA ASP A 51 9.93 13.11 -12.32
C ASP A 51 11.10 12.34 -12.92
N ILE A 52 11.42 11.20 -12.31
CA ILE A 52 12.51 10.36 -12.80
C ILE A 52 12.27 9.97 -14.25
N LEU A 53 11.02 9.64 -14.57
CA LEU A 53 10.66 9.24 -15.93
C LEU A 53 10.83 10.39 -16.89
N LEU A 54 10.36 11.57 -16.49
CA LEU A 54 10.46 12.75 -17.34
C LEU A 54 11.92 13.17 -17.56
N ASN A 55 12.83 12.70 -16.72
CA ASN A 55 14.24 13.03 -16.87
C ASN A 55 14.95 12.04 -17.77
N GLY A 56 14.18 11.15 -18.40
CA GLY A 56 14.79 10.19 -19.31
C GLY A 56 15.01 8.76 -18.86
N TYR A 57 14.94 8.47 -17.56
CA TYR A 57 15.16 7.10 -17.09
C TYR A 57 13.90 6.27 -17.32
N ARG A 58 14.02 5.28 -18.20
CA ARG A 58 12.89 4.42 -18.57
C ARG A 58 12.87 3.03 -17.94
N SER A 59 13.91 2.63 -17.22
CA SER A 59 13.90 1.30 -16.65
C SER A 59 13.45 1.25 -15.19
N SER A 60 12.71 0.19 -14.87
CA SER A 60 12.20 -0.01 -13.52
C SER A 60 13.35 -0.32 -12.58
N GLY A 61 13.22 0.06 -11.32
CA GLY A 61 14.27 -0.22 -10.36
C GLY A 61 14.35 0.81 -9.25
N GLY A 62 15.39 0.72 -8.44
CA GLY A 62 15.57 1.65 -7.35
C GLY A 62 16.22 2.95 -7.76
N TYR A 63 15.66 4.06 -7.29
CA TYR A 63 16.19 5.40 -7.59
C TYR A 63 16.13 6.23 -6.33
N ARG A 64 17.02 7.21 -6.24
CA ARG A 64 17.06 8.10 -5.10
C ARG A 64 16.22 9.32 -5.49
N ILE A 65 15.32 9.73 -4.61
CA ILE A 65 14.48 10.89 -4.90
C ILE A 65 14.59 11.93 -3.80
N TRP A 66 14.22 13.16 -4.14
CA TRP A 66 14.23 14.28 -3.20
C TRP A 66 12.81 14.78 -2.99
N PRO A 67 12.06 14.17 -2.06
CA PRO A 67 10.71 14.69 -1.87
C PRO A 67 10.80 16.14 -1.40
N LYS A 68 9.75 16.92 -1.60
CA LYS A 68 9.79 18.31 -1.17
C LYS A 68 10.04 18.45 0.33
N SER A 69 9.68 17.42 1.10
CA SER A 69 9.90 17.43 2.54
C SER A 69 11.20 16.73 2.94
N TRP A 70 12.17 16.68 2.02
CA TRP A 70 13.42 15.99 2.33
C TRP A 70 14.11 16.50 3.59
N MET A 71 13.91 17.77 3.93
CA MET A 71 14.55 18.31 5.12
C MET A 71 14.18 17.54 6.39
N THR A 72 13.01 16.91 6.39
CA THR A 72 12.59 16.14 7.56
C THR A 72 12.76 14.63 7.36
N VAL A 73 12.15 14.07 6.32
CA VAL A 73 12.28 12.63 6.09
C VAL A 73 13.58 12.25 5.38
N GLY A 74 14.21 13.23 4.71
CA GLY A 74 15.44 12.97 3.99
C GLY A 74 15.19 12.45 2.59
N THR A 75 16.25 12.19 1.85
CA THR A 75 16.10 11.67 0.50
C THR A 75 15.77 10.19 0.70
N LEU A 76 15.17 9.56 -0.30
CA LEU A 76 14.79 8.17 -0.15
C LEU A 76 15.07 7.36 -1.40
N ASN A 77 15.29 6.06 -1.20
CA ASN A 77 15.46 5.15 -2.30
C ASN A 77 14.09 4.52 -2.46
N VAL A 78 13.50 4.68 -3.63
CA VAL A 78 12.18 4.11 -3.87
C VAL A 78 12.23 3.24 -5.11
N TYR A 79 11.27 2.32 -5.23
CA TYR A 79 11.22 1.48 -6.40
C TYR A 79 10.26 2.12 -7.39
N CYS A 80 10.75 2.31 -8.61
CA CYS A 80 9.94 2.92 -9.65
C CYS A 80 9.48 1.88 -10.67
N ASP A 81 8.17 1.80 -10.87
CA ASP A 81 7.61 0.88 -11.85
C ASP A 81 7.46 1.76 -13.10
N MET A 82 8.32 1.54 -14.08
CA MET A 82 8.29 2.34 -15.31
C MET A 82 7.60 1.63 -16.47
N GLU A 83 6.94 0.52 -16.18
CA GLU A 83 6.29 -0.25 -17.23
C GLU A 83 4.77 -0.17 -17.27
N THR A 84 4.14 -0.29 -16.11
CA THR A 84 2.68 -0.25 -16.06
C THR A 84 2.05 1.04 -16.57
N ASP A 85 1.18 0.90 -17.57
CA ASP A 85 0.45 2.02 -18.15
C ASP A 85 1.25 3.31 -18.30
N GLY A 86 2.42 3.22 -18.92
CA GLY A 86 3.23 4.42 -19.13
C GLY A 86 4.35 4.65 -18.15
N GLY A 87 4.31 3.98 -17.00
CA GLY A 87 5.35 4.14 -16.00
C GLY A 87 5.21 5.38 -15.13
N GLY A 88 6.26 5.68 -14.38
CA GLY A 88 6.25 6.84 -13.51
C GLY A 88 5.61 6.58 -12.16
N TRP A 89 5.39 5.30 -11.84
CA TRP A 89 4.77 4.93 -10.57
C TRP A 89 5.78 4.72 -9.46
N THR A 90 5.49 5.30 -8.29
CA THR A 90 6.37 5.13 -7.14
C THR A 90 5.71 4.05 -6.32
N VAL A 91 6.39 2.93 -6.14
CA VAL A 91 5.81 1.82 -5.40
C VAL A 91 5.95 2.05 -3.89
N ILE A 92 4.85 1.88 -3.16
CA ILE A 92 4.88 2.09 -1.72
C ILE A 92 4.67 0.82 -0.91
N GLN A 93 4.29 -0.27 -1.58
CA GLN A 93 4.06 -1.54 -0.91
C GLN A 93 4.10 -2.69 -1.90
N ARG A 94 4.59 -3.85 -1.46
CA ARG A 94 4.63 -5.04 -2.30
C ARG A 94 4.64 -6.31 -1.47
N ARG A 95 3.90 -7.31 -1.93
CA ARG A 95 3.84 -8.63 -1.29
C ARG A 95 4.19 -9.63 -2.38
N GLY A 96 4.97 -10.65 -2.01
CA GLY A 96 5.36 -11.67 -2.95
C GLY A 96 6.00 -12.81 -2.19
N ASN A 97 6.37 -13.87 -2.88
CA ASN A 97 7.02 -15.01 -2.23
C ASN A 97 8.52 -14.79 -2.33
N TYR A 98 9.08 -14.04 -1.37
CA TYR A 98 10.50 -13.71 -1.39
C TYR A 98 11.32 -14.36 -0.28
N GLY A 99 10.73 -15.27 0.47
CA GLY A 99 11.48 -15.93 1.53
C GLY A 99 11.21 -15.47 2.94
N ASN A 100 10.47 -14.39 3.11
CA ASN A 100 10.17 -13.91 4.46
C ASN A 100 9.03 -14.72 5.06
N PRO A 101 8.94 -14.76 6.41
CA PRO A 101 7.88 -15.50 7.10
C PRO A 101 6.50 -15.00 6.68
N SER A 102 5.50 -15.87 6.78
CA SER A 102 4.13 -15.51 6.40
C SER A 102 3.57 -14.39 7.28
N ASP A 103 4.16 -14.20 8.46
CA ASP A 103 3.72 -13.17 9.39
C ASP A 103 4.69 -11.99 9.43
N TYR A 104 5.41 -11.79 8.34
CA TYR A 104 6.40 -10.72 8.21
C TYR A 104 5.81 -9.31 8.38
N PHE A 105 4.57 -9.12 7.95
CA PHE A 105 3.92 -7.81 8.05
C PHE A 105 3.14 -7.62 9.34
N TYR A 106 3.27 -8.59 10.25
CA TYR A 106 2.60 -8.54 11.54
C TYR A 106 3.53 -7.74 12.47
N LYS A 107 3.62 -6.44 12.24
CA LYS A 107 4.51 -5.59 13.03
C LYS A 107 3.79 -4.45 13.73
N PRO A 108 4.42 -3.86 14.76
CA PRO A 108 3.85 -2.75 15.52
C PRO A 108 3.93 -1.38 14.84
N TRP A 109 3.28 -0.40 15.47
CA TRP A 109 3.22 0.98 15.00
C TRP A 109 4.54 1.57 14.55
N LYS A 110 5.58 1.41 15.36
CA LYS A 110 6.89 1.96 15.03
C LYS A 110 7.41 1.48 13.68
N ASN A 111 7.24 0.20 13.39
CA ASN A 111 7.71 -0.35 12.13
C ASN A 111 6.93 0.20 10.94
N TYR A 112 5.61 0.33 11.10
CA TYR A 112 4.79 0.86 10.03
C TYR A 112 5.05 2.35 9.83
N LYS A 113 5.45 3.02 10.90
CA LYS A 113 5.75 4.45 10.86
C LYS A 113 7.03 4.70 10.06
N LEU A 114 8.06 3.91 10.35
CA LEU A 114 9.35 4.07 9.68
C LEU A 114 9.53 3.27 8.39
N GLY A 115 8.75 2.19 8.23
CA GLY A 115 8.87 1.38 7.04
C GLY A 115 9.78 0.19 7.30
N PHE A 116 9.63 -0.86 6.50
CA PHE A 116 10.45 -2.05 6.66
C PHE A 116 10.46 -2.86 5.37
N GLY A 117 11.48 -3.72 5.22
CA GLY A 117 11.58 -4.55 4.03
C GLY A 117 12.50 -3.96 2.97
N ASN A 118 12.74 -4.73 1.92
CA ASN A 118 13.60 -4.32 0.81
C ASN A 118 12.73 -3.86 -0.35
N ILE A 119 12.96 -2.64 -0.84
CA ILE A 119 12.16 -2.08 -1.92
C ILE A 119 12.14 -2.92 -3.21
N GLU A 120 13.02 -3.90 -3.31
CA GLU A 120 13.04 -4.75 -4.51
C GLU A 120 12.28 -6.06 -4.27
N LYS A 121 11.88 -6.29 -3.03
CA LYS A 121 11.13 -7.48 -2.66
C LYS A 121 9.85 -7.04 -1.97
N ASP A 122 9.50 -7.67 -0.85
CA ASP A 122 8.28 -7.27 -0.14
C ASP A 122 8.61 -6.21 0.91
N PHE A 123 7.80 -5.15 0.97
CA PHE A 123 8.06 -4.06 1.90
C PHE A 123 6.86 -3.12 2.09
N TRP A 124 7.03 -2.21 3.04
CA TRP A 124 6.06 -1.16 3.34
C TRP A 124 6.96 0.07 3.44
N LEU A 125 6.74 1.05 2.59
CA LEU A 125 7.59 2.23 2.55
C LEU A 125 7.71 3.01 3.87
N GLY A 126 6.62 3.10 4.64
CA GLY A 126 6.67 3.84 5.88
C GLY A 126 5.64 4.95 5.85
N ASN A 127 4.80 5.06 6.88
CA ASN A 127 3.76 6.07 6.89
C ASN A 127 4.25 7.51 6.85
N ASP A 128 5.35 7.81 7.54
CA ASP A 128 5.85 9.19 7.49
C ASP A 128 6.30 9.52 6.08
N ARG A 129 6.83 8.53 5.38
CA ARG A 129 7.27 8.75 3.99
C ARG A 129 6.08 8.83 3.05
N ILE A 130 5.06 8.03 3.30
CA ILE A 130 3.87 8.05 2.47
C ILE A 130 3.15 9.39 2.67
N PHE A 131 3.14 9.88 3.90
CA PHE A 131 2.52 11.17 4.20
C PHE A 131 3.27 12.25 3.41
N ALA A 132 4.60 12.22 3.49
CA ALA A 132 5.45 13.20 2.81
C ALA A 132 5.22 13.22 1.30
N LEU A 133 5.16 12.04 0.68
CA LEU A 133 4.95 11.97 -0.75
C LEU A 133 3.54 12.37 -1.19
N THR A 134 2.51 11.81 -0.55
CA THR A 134 1.13 12.11 -0.93
C THR A 134 0.66 13.53 -0.68
N ASN A 135 1.42 14.28 0.14
CA ASN A 135 1.05 15.65 0.43
C ASN A 135 1.81 16.69 -0.39
N GLN A 136 2.87 16.29 -1.10
CA GLN A 136 3.63 17.27 -1.89
C GLN A 136 2.86 17.70 -3.13
N ARG A 137 1.87 16.89 -3.50
CA ARG A 137 0.98 17.21 -4.62
C ARG A 137 -0.13 16.17 -4.70
N ASN A 138 -0.99 16.28 -5.71
CA ASN A 138 -2.11 15.37 -5.84
C ASN A 138 -1.78 14.06 -6.57
N TYR A 139 -1.97 12.94 -5.87
CA TYR A 139 -1.68 11.63 -6.42
C TYR A 139 -2.89 10.71 -6.48
N MET A 140 -2.78 9.72 -7.35
CA MET A 140 -3.81 8.69 -7.47
C MET A 140 -3.06 7.43 -7.06
N ILE A 141 -3.75 6.45 -6.48
CA ILE A 141 -3.10 5.23 -6.07
C ILE A 141 -3.61 4.09 -6.94
N ARG A 142 -2.72 3.20 -7.33
CA ARG A 142 -3.10 2.06 -8.14
C ARG A 142 -2.77 0.76 -7.43
N PHE A 143 -3.71 -0.18 -7.42
CA PHE A 143 -3.50 -1.48 -6.81
C PHE A 143 -3.37 -2.51 -7.93
N ASP A 144 -2.27 -3.25 -7.96
CA ASP A 144 -2.08 -4.29 -8.95
C ASP A 144 -2.15 -5.61 -8.22
N LEU A 145 -3.12 -6.43 -8.58
CA LEU A 145 -3.35 -7.73 -7.93
C LEU A 145 -3.21 -8.90 -8.91
N LYS A 146 -2.69 -10.01 -8.42
CA LYS A 146 -2.52 -11.21 -9.23
C LYS A 146 -2.80 -12.46 -8.40
N ASP A 147 -3.52 -13.43 -8.96
CA ASP A 147 -3.81 -14.66 -8.22
C ASP A 147 -2.84 -15.76 -8.63
N LYS A 148 -3.04 -16.97 -8.09
CA LYS A 148 -2.14 -18.09 -8.39
C LYS A 148 -2.17 -18.59 -9.83
N GLU A 149 -3.25 -18.29 -10.56
CA GLU A 149 -3.34 -18.70 -11.95
C GLU A 149 -2.69 -17.65 -12.84
N ASN A 150 -2.07 -16.65 -12.21
CA ASN A 150 -1.39 -15.56 -12.91
C ASN A 150 -2.35 -14.57 -13.57
N ASP A 151 -3.63 -14.65 -13.20
CA ASP A 151 -4.61 -13.71 -13.74
C ASP A 151 -4.43 -12.40 -12.95
N THR A 152 -4.84 -11.28 -13.52
CA THR A 152 -4.67 -10.00 -12.85
C THR A 152 -5.86 -9.05 -12.89
N ARG A 153 -5.90 -8.15 -11.91
CA ARG A 153 -6.95 -7.13 -11.80
C ARG A 153 -6.26 -5.90 -11.22
N TYR A 154 -6.88 -4.73 -11.39
CA TYR A 154 -6.31 -3.50 -10.85
C TYR A 154 -7.45 -2.61 -10.40
N ALA A 155 -7.11 -1.64 -9.55
CA ALA A 155 -8.07 -0.68 -9.04
C ALA A 155 -7.33 0.64 -8.90
N ILE A 156 -7.99 1.72 -9.28
CA ILE A 156 -7.40 3.05 -9.22
C ILE A 156 -8.29 3.90 -8.34
N TYR A 157 -7.67 4.73 -7.49
CA TYR A 157 -8.42 5.64 -6.64
C TYR A 157 -7.76 7.00 -6.77
N GLN A 158 -8.53 8.01 -7.14
CA GLN A 158 -8.00 9.35 -7.28
C GLN A 158 -7.88 10.02 -5.93
N ASP A 159 -7.14 11.13 -5.89
CA ASP A 159 -6.97 11.92 -4.69
C ASP A 159 -6.62 11.09 -3.46
N PHE A 160 -5.51 10.38 -3.54
CA PHE A 160 -5.05 9.54 -2.43
C PHE A 160 -4.04 10.27 -1.57
N TRP A 161 -4.27 10.28 -0.27
CA TRP A 161 -3.35 10.90 0.69
C TRP A 161 -3.73 10.53 2.11
N ILE A 162 -2.77 10.62 3.02
CA ILE A 162 -3.04 10.33 4.42
C ILE A 162 -2.53 11.54 5.21
N GLU A 163 -3.04 11.72 6.42
CA GLU A 163 -2.63 12.82 7.27
C GLU A 163 -1.41 12.36 8.05
N ASN A 164 -0.79 13.25 8.83
CA ASN A 164 0.40 12.86 9.58
C ASN A 164 0.11 12.01 10.81
N GLU A 165 1.17 11.65 11.52
CA GLU A 165 1.03 10.79 12.69
C GLU A 165 0.10 11.31 13.79
N ASP A 166 0.09 12.62 14.02
CA ASP A 166 -0.78 13.19 15.04
C ASP A 166 -2.23 12.87 14.74
N TYR A 167 -2.55 12.79 13.46
CA TYR A 167 -3.90 12.48 13.03
C TYR A 167 -4.05 11.01 12.71
N LEU A 168 -3.13 10.21 13.23
CA LEU A 168 -3.13 8.77 13.05
C LEU A 168 -3.16 8.30 11.59
N TYR A 169 -2.45 9.01 10.72
CA TYR A 169 -2.36 8.66 9.30
C TYR A 169 -3.73 8.38 8.67
N CYS A 170 -4.71 9.21 9.00
CA CYS A 170 -6.06 9.04 8.47
C CYS A 170 -6.06 9.02 6.93
N LEU A 171 -6.79 8.06 6.37
CA LEU A 171 -6.86 7.88 4.92
C LEU A 171 -7.88 8.75 4.17
N HIS A 172 -7.48 9.21 2.99
CA HIS A 172 -8.32 10.01 2.11
C HIS A 172 -8.22 9.45 0.69
N ILE A 173 -9.35 9.07 0.09
CA ILE A 173 -9.35 8.56 -1.27
C ILE A 173 -10.58 9.06 -2.03
N GLY A 174 -10.41 9.31 -3.32
CA GLY A 174 -11.50 9.77 -4.16
C GLY A 174 -12.14 8.65 -4.95
N ASN A 175 -12.63 8.97 -6.15
CA ASN A 175 -13.31 8.01 -7.01
C ASN A 175 -12.53 6.79 -7.45
N TYR A 176 -13.25 5.68 -7.53
CA TYR A 176 -12.73 4.39 -7.94
C TYR A 176 -12.95 4.13 -9.43
N SER A 177 -12.09 3.30 -10.01
CA SER A 177 -12.20 2.89 -11.40
C SER A 177 -11.29 1.67 -11.51
N GLY A 178 -11.63 0.75 -12.41
CA GLY A 178 -10.82 -0.46 -12.57
C GLY A 178 -11.70 -1.70 -12.66
N ASP A 179 -11.09 -2.87 -12.56
CA ASP A 179 -11.85 -4.12 -12.66
C ASP A 179 -11.66 -5.09 -11.49
N ALA A 180 -10.98 -4.66 -10.43
CA ALA A 180 -10.75 -5.54 -9.29
C ALA A 180 -11.93 -5.53 -8.32
N GLY A 181 -12.77 -4.50 -8.41
CA GLY A 181 -13.89 -4.36 -7.51
C GLY A 181 -13.46 -3.33 -6.47
N ASN A 182 -14.40 -2.53 -5.99
CA ASN A 182 -14.10 -1.48 -5.04
C ASN A 182 -14.04 -1.98 -3.58
N SER A 183 -12.91 -2.57 -3.19
CA SER A 183 -12.78 -3.07 -1.82
C SER A 183 -11.92 -2.19 -0.91
N PHE A 184 -11.47 -1.04 -1.39
CA PHE A 184 -10.66 -0.14 -0.58
C PHE A 184 -11.52 1.05 -0.18
N GLY A 185 -12.57 1.28 -0.96
CA GLY A 185 -13.46 2.41 -0.71
C GLY A 185 -14.00 2.54 0.70
N ARG A 186 -14.40 1.43 1.32
CA ARG A 186 -14.96 1.49 2.67
C ARG A 186 -13.97 1.97 3.72
N HIS A 187 -12.68 1.95 3.38
CA HIS A 187 -11.65 2.37 4.32
C HIS A 187 -11.42 3.87 4.36
N ASN A 188 -11.97 4.59 3.40
CA ASN A 188 -11.82 6.03 3.34
C ASN A 188 -12.22 6.66 4.68
N GLY A 189 -11.42 7.62 5.14
CA GLY A 189 -11.70 8.32 6.38
C GLY A 189 -11.42 7.59 7.69
N HIS A 190 -10.64 6.52 7.66
CA HIS A 190 -10.34 5.77 8.87
C HIS A 190 -8.89 5.93 9.32
N ASN A 191 -8.66 5.74 10.62
CA ASN A 191 -7.31 5.85 11.17
C ASN A 191 -6.54 4.60 10.81
N PHE A 192 -5.22 4.64 10.98
CA PHE A 192 -4.39 3.49 10.71
C PHE A 192 -4.32 2.74 12.04
N SER A 193 -4.37 1.40 12.00
CA SER A 193 -4.28 0.61 13.22
C SER A 193 -3.20 -0.46 13.08
N THR A 194 -2.62 -0.86 14.20
CA THR A 194 -1.59 -1.90 14.24
C THR A 194 -1.87 -2.80 15.44
N ILE A 195 -1.16 -3.91 15.52
CA ILE A 195 -1.35 -4.85 16.62
C ILE A 195 -1.24 -4.20 18.00
N ASP A 196 -0.46 -3.15 18.13
CA ASP A 196 -0.29 -2.48 19.42
C ASP A 196 -1.08 -1.18 19.56
N LYS A 197 -1.87 -0.82 18.56
CA LYS A 197 -2.65 0.40 18.64
C LYS A 197 -3.97 0.30 17.90
N ASP A 198 -5.05 0.12 18.66
CA ASP A 198 -6.41 -0.01 18.14
C ASP A 198 -7.06 1.36 17.90
N HIS A 199 -7.17 1.75 16.64
CA HIS A 199 -7.79 3.02 16.28
C HIS A 199 -9.00 2.81 15.38
N ASP A 200 -9.46 1.56 15.28
CA ASP A 200 -10.60 1.27 14.41
C ASP A 200 -11.94 1.63 15.07
N THR A 201 -13.03 1.34 14.37
CA THR A 201 -14.36 1.65 14.89
C THR A 201 -15.15 0.40 15.24
N HIS A 202 -14.44 -0.63 15.71
CA HIS A 202 -15.08 -1.88 16.07
C HIS A 202 -14.81 -2.16 17.55
N GLU A 203 -15.68 -2.96 18.16
CA GLU A 203 -15.54 -3.32 19.57
C GLU A 203 -14.26 -4.11 19.79
N THR A 204 -13.91 -4.93 18.79
CA THR A 204 -12.72 -5.75 18.88
C THR A 204 -11.48 -5.02 18.35
N HIS A 205 -10.36 -5.73 18.34
CA HIS A 205 -9.08 -5.22 17.87
C HIS A 205 -8.88 -5.81 16.47
N CYS A 206 -9.34 -5.08 15.46
CA CYS A 206 -9.23 -5.54 14.08
C CYS A 206 -7.82 -6.00 13.67
N ALA A 207 -6.82 -5.22 14.03
CA ALA A 207 -5.44 -5.53 13.68
C ALA A 207 -4.94 -6.86 14.26
N GLN A 208 -5.35 -7.18 15.48
CA GLN A 208 -4.94 -8.43 16.09
C GLN A 208 -5.67 -9.61 15.50
N THR A 209 -6.89 -9.38 15.04
CA THR A 209 -7.69 -10.44 14.44
C THR A 209 -7.28 -10.71 13.00
N TYR A 210 -7.10 -9.63 12.23
CA TYR A 210 -6.73 -9.76 10.83
C TYR A 210 -5.25 -9.60 10.47
N LYS A 211 -4.42 -9.52 11.51
CA LYS A 211 -2.97 -9.51 11.39
C LYS A 211 -2.15 -8.46 10.64
N GLY A 212 -2.72 -7.31 10.31
CA GLY A 212 -1.91 -6.34 9.60
C GLY A 212 -1.96 -4.92 10.14
N GLY A 213 -1.29 -4.02 9.45
CA GLY A 213 -1.30 -2.62 9.80
C GLY A 213 -2.13 -2.07 8.65
N TRP A 214 -3.30 -1.52 8.94
CA TRP A 214 -4.18 -1.05 7.88
C TRP A 214 -5.15 -0.02 8.43
N TRP A 215 -5.90 0.63 7.53
CA TRP A 215 -6.90 1.61 7.94
C TRP A 215 -8.20 0.83 8.19
N TYR A 216 -8.16 -0.03 9.20
CA TYR A 216 -9.28 -0.87 9.55
C TYR A 216 -10.55 -0.13 9.96
N ASP A 217 -11.69 -0.69 9.55
CA ASP A 217 -13.01 -0.14 9.85
C ASP A 217 -13.72 -1.08 10.82
N ARG A 218 -14.49 -2.02 10.27
CA ARG A 218 -15.24 -3.00 11.07
C ARG A 218 -15.42 -4.36 10.37
N CYS A 219 -14.35 -4.98 9.86
CA CYS A 219 -12.99 -4.48 9.95
C CYS A 219 -12.40 -4.12 8.58
N HIS A 220 -12.66 -4.94 7.56
CA HIS A 220 -12.11 -4.67 6.24
C HIS A 220 -12.76 -5.40 5.07
N GLU A 221 -12.41 -4.95 3.87
CA GLU A 221 -12.86 -5.56 2.63
C GLU A 221 -11.57 -5.85 1.85
N SER A 222 -10.48 -5.18 2.26
CA SER A 222 -9.16 -5.39 1.67
C SER A 222 -8.17 -5.47 2.85
N ASN A 223 -7.20 -6.37 2.77
CA ASN A 223 -6.25 -6.57 3.87
C ASN A 223 -4.88 -6.94 3.30
N LEU A 224 -4.36 -6.10 2.40
CA LEU A 224 -3.09 -6.36 1.74
C LEU A 224 -1.86 -6.54 2.61
N ASN A 225 -1.90 -6.07 3.86
CA ASN A 225 -0.77 -6.25 4.75
C ASN A 225 -1.01 -7.43 5.69
N GLY A 226 -1.92 -8.32 5.30
CA GLY A 226 -2.22 -9.47 6.13
C GLY A 226 -1.22 -10.61 5.97
N LEU A 227 -1.54 -11.76 6.55
CA LEU A 227 -0.67 -12.93 6.48
C LEU A 227 -0.52 -13.42 5.05
N TYR A 228 0.67 -13.92 4.72
CA TYR A 228 0.93 -14.44 3.39
C TYR A 228 0.55 -15.91 3.41
N LEU A 229 -0.72 -16.20 3.14
CA LEU A 229 -1.21 -17.57 3.15
C LEU A 229 -1.17 -18.27 1.79
N ASN A 230 -0.80 -17.52 0.76
CA ASN A 230 -0.65 -18.05 -0.58
C ASN A 230 -1.79 -18.92 -1.12
N GLY A 231 -2.89 -18.28 -1.51
CA GLY A 231 -4.00 -19.03 -2.05
C GLY A 231 -5.18 -19.21 -1.11
N GLU A 232 -5.99 -20.23 -1.39
CA GLU A 232 -7.16 -20.54 -0.57
C GLU A 232 -6.77 -20.90 0.86
N HIS A 233 -7.59 -20.51 1.82
CA HIS A 233 -7.34 -20.81 3.22
C HIS A 233 -8.63 -20.85 4.02
N ASN A 234 -8.70 -21.77 4.98
CA ASN A 234 -9.88 -21.94 5.81
C ASN A 234 -10.08 -20.84 6.84
N SER A 235 -8.99 -20.28 7.35
CA SER A 235 -9.10 -19.21 8.33
C SER A 235 -9.89 -18.08 7.70
N TYR A 236 -10.51 -17.25 8.52
CA TYR A 236 -11.34 -16.17 8.02
C TYR A 236 -10.68 -14.81 7.79
N ALA A 237 -10.64 -14.41 6.53
CA ALA A 237 -10.12 -13.11 6.10
C ALA A 237 -8.82 -12.58 6.71
N ASP A 238 -7.92 -13.46 7.14
CA ASP A 238 -6.68 -12.97 7.74
C ASP A 238 -5.47 -13.00 6.82
N GLY A 239 -5.70 -13.24 5.54
CA GLY A 239 -4.62 -13.27 4.56
C GLY A 239 -4.70 -11.99 3.72
N ILE A 240 -3.97 -11.96 2.59
CA ILE A 240 -3.96 -10.81 1.68
C ILE A 240 -5.27 -10.83 0.87
N GLU A 241 -6.33 -10.26 1.45
CA GLU A 241 -7.64 -10.27 0.80
C GLU A 241 -8.07 -9.03 0.03
N TRP A 242 -8.86 -9.27 -1.01
CA TRP A 242 -9.47 -8.20 -1.80
C TRP A 242 -10.84 -8.80 -2.07
N ARG A 243 -11.74 -8.57 -1.11
CA ARG A 243 -13.08 -9.10 -1.14
C ARG A 243 -13.85 -9.12 -2.46
N ALA A 244 -13.92 -7.98 -3.13
CA ALA A 244 -14.66 -7.89 -4.38
C ALA A 244 -14.21 -8.83 -5.48
N TRP A 245 -12.98 -9.32 -5.40
CA TRP A 245 -12.50 -10.23 -6.43
C TRP A 245 -12.45 -11.69 -5.99
N LYS A 246 -11.76 -11.98 -4.90
CA LYS A 246 -11.62 -13.37 -4.44
C LYS A 246 -12.29 -13.74 -3.12
N GLY A 247 -13.08 -12.83 -2.54
CA GLY A 247 -13.74 -13.13 -1.27
C GLY A 247 -12.86 -12.99 -0.04
N TYR A 248 -13.21 -13.70 1.03
CA TYR A 248 -12.45 -13.65 2.27
C TYR A 248 -11.61 -14.89 2.57
N HIS A 249 -11.51 -15.81 1.63
CA HIS A 249 -10.74 -17.03 1.85
C HIS A 249 -9.67 -17.28 0.78
N TYR A 250 -9.09 -16.19 0.27
CA TYR A 250 -8.07 -16.31 -0.76
C TYR A 250 -7.01 -15.22 -0.57
N SER A 251 -5.82 -15.64 -0.20
CA SER A 251 -4.70 -14.73 0.02
C SER A 251 -3.91 -14.58 -1.28
N LEU A 252 -4.05 -13.42 -1.91
CA LEU A 252 -3.35 -13.15 -3.17
C LEU A 252 -1.84 -13.34 -3.03
N PRO A 253 -1.23 -14.06 -3.99
CA PRO A 253 0.21 -14.31 -3.93
C PRO A 253 1.10 -13.11 -4.28
N GLN A 254 0.57 -12.15 -5.04
CA GLN A 254 1.34 -10.97 -5.40
C GLN A 254 0.48 -9.72 -5.52
N VAL A 255 0.87 -8.67 -4.82
CA VAL A 255 0.14 -7.40 -4.88
C VAL A 255 1.13 -6.25 -4.77
N GLU A 256 0.72 -5.08 -5.27
CA GLU A 256 1.54 -3.88 -5.20
C GLU A 256 0.65 -2.66 -5.11
N MET A 257 1.09 -1.68 -4.34
CA MET A 257 0.38 -0.42 -4.19
C MET A 257 1.38 0.61 -4.70
N LYS A 258 0.95 1.47 -5.61
CA LYS A 258 1.85 2.46 -6.19
C LYS A 258 1.11 3.76 -6.51
N ILE A 259 1.84 4.88 -6.45
CA ILE A 259 1.24 6.17 -6.71
C ILE A 259 1.87 6.93 -7.88
N ARG A 260 1.08 7.80 -8.50
CA ARG A 260 1.54 8.62 -9.64
C ARG A 260 0.70 9.89 -9.63
N PRO A 261 1.31 11.04 -9.97
CA PRO A 261 0.55 12.29 -9.97
C PRO A 261 -0.67 12.23 -10.89
N VAL A 262 -1.76 12.84 -10.45
CA VAL A 262 -2.99 12.87 -11.24
C VAL A 262 -2.74 13.59 -12.56
N GLU A 263 -1.90 14.63 -12.52
CA GLU A 263 -1.58 15.42 -13.70
C GLU A 263 -0.48 14.80 -14.56
N PHE A 264 -0.39 13.47 -14.59
CA PHE A 264 0.65 12.81 -15.38
C PHE A 264 0.24 12.65 -16.84
#